data_6I23
#
_entry.id   6I23
#
_cell.length_a   104.563
_cell.length_b   104.563
_cell.length_c   68.010
_cell.angle_alpha   90.00
_cell.angle_beta   90.00
_cell.angle_gamma   120.00
#
_symmetry.space_group_name_H-M   'P 31 2 1'
#
loop_
_entity.id
_entity.type
_entity.pdbx_description
1 polymer 'Aureochrome1-like protein'
2 polymer 'Aureochrome1-like protein'
3 non-polymer 1-deoxy-1-(7,8-dimethyl-2,4-dioxo-3,4-dihydropyrimido[4,5-b]quinolin-10(2H)-yl)-5-O-phosphono-D-ribitol
4 non-polymer 'CHLORIDE ION'
5 non-polymer 'ACETATE ION'
6 non-polymer 1,2-ETHANEDIOL
7 non-polymer '2-(N-MORPHOLINO)-ETHANESULFONIC ACID'
8 water water
#
loop_
_entity_poly.entity_id
_entity_poly.type
_entity_poly.pdbx_seq_one_letter_code
_entity_poly.pdbx_strand_id
1 'polypeptide(L)'
;GAMDYSLVKALQTAQQNFVISDPSIPDNPIVYASQGFLTLTGYALSEVLGRNCRFLQGPETDPKAVEKVRKGLERGEDTT
VVLLNYRKDGSTFWNQLFIAALRDGEGNVVNYLGVQCKVSEDYAKAFLKN
;
A
2 'polypeptide(L)'
;GAMDYSLVKALQTAQQNFVISDPSIPDNPIVYASQGFLTLTGYALSEVLGRNCRFLQGPETDPKAVEKVRKGLERGEDTT
VVLLNYRKDGSTFWNQLFIAALRDGEGNVVNYLGVQCKVSEDYAKAFLKNEEN
;
B
#
# COMPACT_ATOMS: atom_id res chain seq x y z
N GLY A 1 4.57 -12.46 -9.88
CA GLY A 1 5.52 -11.32 -9.67
C GLY A 1 5.06 -9.95 -10.17
N ALA A 2 4.21 -9.93 -11.19
CA ALA A 2 3.94 -8.72 -11.99
C ALA A 2 2.69 -7.99 -11.55
N MET A 3 2.74 -6.93 -10.72
CA MET A 3 1.50 -6.17 -10.40
C MET A 3 0.36 -7.02 -9.74
N ASP A 4 0.70 -8.24 -9.32
CA ASP A 4 -0.27 -9.19 -8.76
C ASP A 4 -0.25 -8.99 -7.26
N TYR A 5 0.60 -8.03 -6.82
CA TYR A 5 0.55 -7.50 -5.48
C TYR A 5 -0.75 -6.74 -5.27
N SER A 6 -1.50 -7.23 -4.28
CA SER A 6 -2.72 -6.62 -3.80
C SER A 6 -2.55 -5.14 -3.52
N LEU A 7 -1.48 -4.88 -2.79
CA LEU A 7 -1.07 -3.56 -2.41
C LEU A 7 -0.73 -2.61 -3.57
N VAL A 8 -0.14 -3.14 -4.63
CA VAL A 8 0.02 -2.32 -5.84
C VAL A 8 -1.34 -1.95 -6.42
N LYS A 9 -2.21 -2.94 -6.55
CA LYS A 9 -3.57 -2.73 -7.13
C LYS A 9 -4.45 -1.83 -6.26
N ALA A 10 -4.29 -1.96 -4.95
CA ALA A 10 -4.90 -1.07 -3.98
C ALA A 10 -4.46 0.37 -4.22
N LEU A 11 -3.17 0.55 -4.41
CA LEU A 11 -2.58 1.86 -4.65
C LEU A 11 -3.08 2.52 -5.94
N GLN A 12 -3.26 1.72 -7.00
CA GLN A 12 -3.80 2.21 -8.30
C GLN A 12 -5.22 2.61 -8.14
N THR A 13 -6.01 1.77 -7.48
CA THR A 13 -7.38 2.13 -7.16
C THR A 13 -7.49 3.43 -6.35
N ALA A 14 -6.59 3.67 -5.40
CA ALA A 14 -6.62 4.93 -4.65
C ALA A 14 -5.95 6.08 -5.39
N GLN A 15 -5.49 5.84 -6.63
CA GLN A 15 -4.89 6.88 -7.46
C GLN A 15 -3.67 7.55 -6.83
N GLN A 16 -2.84 6.74 -6.21
CA GLN A 16 -1.65 7.20 -5.52
C GLN A 16 -0.51 7.39 -6.49
N ASN A 17 0.44 8.17 -6.03
CA ASN A 17 1.72 8.35 -6.70
C ASN A 17 2.68 7.31 -6.17
N PHE A 18 3.08 6.39 -7.05
CA PHE A 18 4.10 5.40 -6.71
C PHE A 18 4.95 4.92 -7.91
N VAL A 19 6.10 4.36 -7.57
CA VAL A 19 6.94 3.61 -8.49
C VAL A 19 7.31 2.26 -7.85
N ILE A 20 7.59 1.28 -8.72
CA ILE A 20 8.20 0.01 -8.36
C ILE A 20 9.60 -0.07 -8.98
N SER A 21 10.57 -0.48 -8.20
CA SER A 21 11.93 -0.71 -8.67
C SER A 21 12.27 -2.17 -8.65
N ASP A 22 13.28 -2.57 -9.41
CA ASP A 22 13.77 -3.97 -9.42
C ASP A 22 15.21 -4.03 -9.08
N PRO A 23 15.54 -4.55 -7.90
CA PRO A 23 16.92 -4.50 -7.51
C PRO A 23 17.75 -5.63 -8.07
N SER A 24 17.18 -6.57 -8.82
CA SER A 24 18.01 -7.53 -9.50
C SER A 24 18.67 -6.90 -10.74
N ILE A 25 18.26 -5.70 -11.13
CA ILE A 25 18.89 -4.96 -12.24
C ILE A 25 19.89 -3.99 -11.63
N PRO A 26 21.07 -3.79 -12.26
CA PRO A 26 22.04 -2.84 -11.69
C PRO A 26 21.45 -1.48 -11.41
N ASP A 27 21.79 -0.92 -10.25
CA ASP A 27 21.30 0.39 -9.80
C ASP A 27 19.78 0.51 -9.49
N ASN A 28 19.07 -0.63 -9.37
CA ASN A 28 17.75 -0.68 -8.79
C ASN A 28 16.81 0.36 -9.44
N PRO A 29 16.66 0.31 -10.77
CA PRO A 29 15.84 1.28 -11.49
C PRO A 29 14.32 1.01 -11.40
N ILE A 30 13.55 2.02 -11.82
CA ILE A 30 12.14 1.98 -11.91
C ILE A 30 11.73 1.04 -13.06
N VAL A 31 10.82 0.12 -12.77
CA VAL A 31 10.22 -0.74 -13.79
C VAL A 31 8.70 -0.55 -13.90
N TYR A 32 8.13 0.29 -13.02
CA TYR A 32 6.71 0.70 -13.10
C TYR A 32 6.56 2.04 -12.44
N ALA A 33 5.76 2.89 -13.06
CA ALA A 33 5.43 4.20 -12.47
C ALA A 33 3.96 4.52 -12.71
N SER A 34 3.23 4.99 -11.68
CA SER A 34 1.77 5.23 -11.80
C SER A 34 1.58 6.54 -12.52
N GLN A 35 0.41 6.74 -13.10
CA GLN A 35 0.05 8.01 -13.72
C GLN A 35 0.21 9.17 -12.74
N GLY A 36 -0.15 8.96 -11.49
CA GLY A 36 -0.01 9.99 -10.48
C GLY A 36 1.41 10.49 -10.34
N PHE A 37 2.36 9.54 -10.37
CA PHE A 37 3.76 9.89 -10.20
C PHE A 37 4.25 10.72 -11.40
N LEU A 38 3.79 10.34 -12.59
CA LEU A 38 4.14 11.04 -13.82
C LEU A 38 3.58 12.48 -13.84
N THR A 39 2.31 12.62 -13.44
CA THR A 39 1.64 13.92 -13.33
C THR A 39 2.32 14.76 -12.26
N LEU A 40 2.61 14.19 -11.10
CA LEU A 40 3.30 14.93 -10.04
C LEU A 40 4.68 15.49 -10.49
N THR A 41 5.43 14.68 -11.25
CA THR A 41 6.85 14.95 -11.51
C THR A 41 7.10 15.64 -12.83
N GLY A 42 6.08 15.69 -13.69
CA GLY A 42 6.20 16.23 -15.03
C GLY A 42 6.89 15.30 -16.01
N TYR A 43 7.30 14.12 -15.60
CA TYR A 43 7.89 13.18 -16.57
C TYR A 43 6.90 12.30 -17.29
N ALA A 44 7.19 11.99 -18.54
CA ALA A 44 6.53 10.90 -19.27
C ALA A 44 7.00 9.49 -18.80
N LEU A 45 6.19 8.47 -19.07
CA LEU A 45 6.53 7.12 -18.63
C LEU A 45 7.91 6.75 -19.23
N SER A 46 8.07 6.94 -20.56
CA SER A 46 9.34 6.67 -21.23
C SER A 46 10.52 7.61 -20.83
N GLU A 47 10.33 8.55 -19.90
CA GLU A 47 11.44 9.28 -19.27
C GLU A 47 11.91 8.72 -17.92
N VAL A 48 11.15 7.80 -17.34
CA VAL A 48 11.46 7.29 -16.01
C VAL A 48 11.76 5.79 -15.99
N LEU A 49 11.15 5.01 -16.86
CA LEU A 49 11.42 3.59 -16.85
C LEU A 49 12.94 3.36 -17.06
N GLY A 50 13.53 2.47 -16.28
CA GLY A 50 14.95 2.16 -16.42
C GLY A 50 15.91 3.15 -15.79
N ARG A 51 15.40 4.10 -15.01
CA ARG A 51 16.18 5.12 -14.27
CA ARG A 51 16.28 5.00 -14.26
C ARG A 51 16.02 4.91 -12.76
N ASN A 52 17.05 5.22 -12.00
CA ASN A 52 16.96 5.23 -10.54
C ASN A 52 16.24 6.55 -10.24
N CYS A 53 15.36 6.55 -9.23
N CYS A 53 15.33 6.56 -9.25
CA CYS A 53 14.58 7.73 -8.85
CA CYS A 53 14.58 7.78 -8.88
C CYS A 53 15.38 8.86 -8.20
C CYS A 53 15.39 8.89 -8.23
N ARG A 54 16.70 8.71 -8.04
CA ARG A 54 17.52 9.80 -7.58
C ARG A 54 17.53 11.04 -8.53
N PHE A 55 17.06 10.88 -9.78
CA PHE A 55 16.94 12.02 -10.70
C PHE A 55 16.02 13.14 -10.19
N LEU A 56 15.14 12.82 -9.24
CA LEU A 56 14.29 13.80 -8.62
C LEU A 56 15.00 14.69 -7.60
N GLN A 57 16.23 14.34 -7.24
CA GLN A 57 16.99 15.10 -6.26
C GLN A 57 17.79 16.21 -6.96
N GLY A 58 18.11 17.28 -6.25
CA GLY A 58 18.80 18.41 -6.81
C GLY A 58 19.65 19.05 -5.75
N PRO A 59 20.26 20.18 -6.07
CA PRO A 59 21.25 20.78 -5.17
C PRO A 59 20.75 21.22 -3.78
N GLU A 60 19.46 21.50 -3.70
CA GLU A 60 18.93 21.94 -2.42
C GLU A 60 18.27 20.83 -1.63
N THR A 61 18.14 19.65 -2.23
CA THR A 61 17.86 18.43 -1.52
C THR A 61 18.93 18.16 -0.47
N ASP A 62 18.49 17.69 0.69
CA ASP A 62 19.33 17.52 1.85
C ASP A 62 20.01 16.15 1.73
N PRO A 63 21.35 16.10 1.73
CA PRO A 63 22.03 14.80 1.57
C PRO A 63 21.80 13.82 2.71
N LYS A 64 21.48 14.36 3.90
CA LYS A 64 21.13 13.55 5.07
C LYS A 64 19.80 12.82 4.90
N ALA A 65 18.80 13.48 4.31
CA ALA A 65 17.56 12.79 3.96
C ALA A 65 17.82 11.62 3.00
N VAL A 66 18.67 11.88 2.02
CA VAL A 66 18.99 10.88 1.01
C VAL A 66 19.77 9.75 1.68
N GLU A 67 20.68 10.11 2.59
CA GLU A 67 21.51 9.14 3.36
C GLU A 67 20.64 8.18 4.17
N LYS A 68 19.55 8.71 4.71
CA LYS A 68 18.59 7.96 5.52
C LYS A 68 17.79 6.97 4.64
N VAL A 69 17.45 7.35 3.43
CA VAL A 69 16.86 6.41 2.47
C VAL A 69 17.85 5.30 2.12
N ARG A 70 19.12 5.66 1.92
CA ARG A 70 20.12 4.71 1.45
C ARG A 70 20.32 3.60 2.48
N LYS A 71 20.46 4.00 3.74
CA LYS A 71 20.72 3.11 4.83
C LYS A 71 19.52 2.22 5.17
N GLY A 72 18.33 2.81 5.14
CA GLY A 72 17.10 2.05 5.18
C GLY A 72 17.15 0.90 4.19
N LEU A 73 17.46 1.20 2.93
CA LEU A 73 17.47 0.16 1.89
C LEU A 73 18.51 -0.93 2.22
N GLU A 74 19.69 -0.50 2.65
CA GLU A 74 20.79 -1.43 2.97
C GLU A 74 20.44 -2.35 4.11
N ARG A 75 19.79 -1.80 5.14
CA ARG A 75 19.38 -2.55 6.34
C ARG A 75 18.01 -3.22 6.19
N GLY A 76 17.45 -3.19 4.97
CA GLY A 76 16.08 -3.64 4.71
C GLY A 76 14.99 -3.14 5.62
N GLU A 77 15.08 -1.88 6.05
CA GLU A 77 14.03 -1.25 6.83
C GLU A 77 13.18 -0.37 5.94
N ASP A 78 11.88 -0.48 6.10
CA ASP A 78 10.92 0.49 5.60
C ASP A 78 11.34 1.88 6.06
N THR A 79 11.25 2.87 5.20
CA THR A 79 11.54 4.25 5.59
C THR A 79 10.51 5.26 5.12
N THR A 80 10.43 6.32 5.92
CA THR A 80 9.64 7.50 5.61
C THR A 80 10.55 8.70 5.79
N VAL A 81 10.66 9.51 4.74
CA VAL A 81 11.39 10.76 4.82
C VAL A 81 10.62 11.86 4.13
N VAL A 82 10.91 13.08 4.54
CA VAL A 82 10.44 14.26 3.79
C VAL A 82 11.67 14.93 3.18
N LEU A 83 11.73 14.97 1.85
CA LEU A 83 12.87 15.59 1.14
C LEU A 83 12.40 16.48 -0.03
N LEU A 84 13.23 17.45 -0.37
CA LEU A 84 12.98 18.31 -1.54
C LEU A 84 13.23 17.55 -2.86
N ASN A 85 12.24 17.52 -3.73
CA ASN A 85 12.42 16.96 -5.06
C ASN A 85 12.19 18.03 -6.15
N TYR A 86 12.63 17.69 -7.37
CA TYR A 86 12.58 18.57 -8.55
C TYR A 86 11.75 17.87 -9.63
N ARG A 87 10.82 18.60 -10.22
CA ARG A 87 10.12 18.15 -11.42
C ARG A 87 10.99 18.34 -12.68
N LYS A 88 10.51 17.81 -13.82
CA LYS A 88 11.21 17.93 -15.05
C LYS A 88 11.56 19.39 -15.40
N ASP A 89 10.62 20.30 -15.15
CA ASP A 89 10.83 21.71 -15.43
C ASP A 89 11.68 22.41 -14.37
N GLY A 90 12.19 21.70 -13.38
CA GLY A 90 13.05 22.31 -12.39
C GLY A 90 12.33 22.94 -11.21
N SER A 91 11.00 23.02 -11.24
CA SER A 91 10.24 23.46 -10.06
C SER A 91 10.36 22.39 -8.95
N THR A 92 10.28 22.83 -7.70
CA THR A 92 10.54 21.96 -6.59
C THR A 92 9.28 21.76 -5.75
N PHE A 93 9.20 20.60 -5.11
CA PHE A 93 8.13 20.26 -4.14
C PHE A 93 8.72 19.43 -3.00
N TRP A 94 8.03 19.42 -1.84
CA TRP A 94 8.40 18.56 -0.72
C TRP A 94 7.68 17.25 -0.89
N ASN A 95 8.45 16.18 -0.79
CA ASN A 95 7.96 14.84 -1.02
C ASN A 95 8.05 14.04 0.29
N GLN A 96 6.89 13.67 0.86
CA GLN A 96 6.83 12.66 1.92
C GLN A 96 6.87 11.33 1.23
N LEU A 97 8.01 10.68 1.36
CA LEU A 97 8.36 9.48 0.61
C LEU A 97 8.33 8.24 1.52
N PHE A 98 7.59 7.21 1.10
CA PHE A 98 7.43 5.99 1.83
C PHE A 98 8.00 4.85 0.99
N ILE A 99 9.01 4.15 1.51
CA ILE A 99 9.64 3.08 0.75
C ILE A 99 9.65 1.76 1.53
N ALA A 100 9.19 0.70 0.88
CA ALA A 100 9.20 -0.61 1.44
C ALA A 100 9.67 -1.66 0.44
N ALA A 101 10.32 -2.68 0.98
CA ALA A 101 10.67 -3.91 0.27
C ALA A 101 9.47 -4.82 0.07
N LEU A 102 9.30 -5.35 -1.12
CA LEU A 102 8.31 -6.39 -1.35
C LEU A 102 9.09 -7.72 -1.42
N ARG A 103 8.81 -8.61 -0.47
CA ARG A 103 9.55 -9.86 -0.32
C ARG A 103 8.79 -11.05 -0.78
N ASP A 104 9.49 -12.09 -1.20
CA ASP A 104 8.83 -13.41 -1.40
C ASP A 104 8.82 -14.28 -0.14
N GLY A 105 8.31 -15.50 -0.27
CA GLY A 105 8.31 -16.51 0.78
C GLY A 105 9.61 -16.70 1.55
N GLU A 106 10.73 -16.63 0.84
CA GLU A 106 12.01 -16.91 1.44
C GLU A 106 12.63 -15.67 2.11
N GLY A 107 11.92 -14.52 2.09
CA GLY A 107 12.45 -13.25 2.61
C GLY A 107 13.31 -12.49 1.63
N ASN A 108 13.32 -12.94 0.37
CA ASN A 108 14.11 -12.22 -0.65
C ASN A 108 13.36 -10.97 -1.07
N VAL A 109 14.06 -9.84 -1.14
CA VAL A 109 13.49 -8.62 -1.68
C VAL A 109 13.35 -8.73 -3.21
N VAL A 110 12.14 -8.86 -3.77
CA VAL A 110 12.00 -8.97 -5.22
C VAL A 110 11.76 -7.63 -5.92
N ASN A 111 11.21 -6.66 -5.18
CA ASN A 111 11.00 -5.33 -5.69
C ASN A 111 11.03 -4.39 -4.49
N TYR A 112 11.20 -3.11 -4.77
CA TYR A 112 10.88 -2.03 -3.82
C TYR A 112 9.68 -1.21 -4.37
N LEU A 113 8.91 -0.67 -3.43
CA LEU A 113 7.77 0.17 -3.70
C LEU A 113 8.02 1.49 -3.04
N GLY A 114 7.87 2.56 -3.79
CA GLY A 114 7.92 3.91 -3.27
C GLY A 114 6.65 4.70 -3.58
N VAL A 115 6.11 5.36 -2.57
CA VAL A 115 4.84 6.10 -2.67
C VAL A 115 5.20 7.53 -2.28
N GLN A 116 4.85 8.46 -3.16
CA GLN A 116 5.11 9.88 -2.94
C GLN A 116 3.82 10.64 -2.61
N CYS A 117 3.89 11.44 -1.56
CA CYS A 117 2.83 12.35 -1.17
CA CYS A 117 2.83 12.35 -1.18
C CYS A 117 3.40 13.75 -1.13
N LYS A 118 2.86 14.62 -1.96
CA LYS A 118 3.27 16.02 -1.99
C LYS A 118 2.75 16.68 -0.73
N VAL A 119 3.62 17.33 0.02
CA VAL A 119 3.26 18.05 1.27
C VAL A 119 3.67 19.53 1.16
N SER A 120 2.99 20.38 1.94
CA SER A 120 3.23 21.81 2.01
C SER A 120 4.55 22.11 2.71
N GLU A 121 5.03 23.34 2.56
CA GLU A 121 6.30 23.76 3.19
C GLU A 121 6.19 23.71 4.71
N ASP A 122 5.04 24.12 5.22
CA ASP A 122 4.80 24.13 6.68
C ASP A 122 4.81 22.70 7.24
N TYR A 123 4.13 21.80 6.53
CA TYR A 123 4.17 20.39 6.87
C TYR A 123 5.63 19.91 6.97
N ALA A 124 6.45 20.22 5.96
CA ALA A 124 7.80 19.70 5.94
C ALA A 124 8.70 20.24 7.08
N LYS A 125 8.56 21.53 7.43
CA LYS A 125 9.34 22.10 8.54
C LYS A 125 8.98 21.39 9.85
N ALA A 126 7.69 21.24 10.09
CA ALA A 126 7.22 20.59 11.31
C ALA A 126 7.72 19.16 11.40
N PHE A 127 7.68 18.45 10.27
CA PHE A 127 8.10 17.06 10.21
C PHE A 127 9.57 16.98 10.55
N LEU A 128 10.36 17.79 9.84
CA LEU A 128 11.81 17.77 9.96
C LEU A 128 12.31 18.28 11.31
N LYS A 129 11.48 19.03 12.03
CA LYS A 129 11.80 19.35 13.42
C LYS A 129 11.80 18.16 14.42
N ASN A 130 11.15 17.03 14.08
CA ASN A 130 10.85 15.97 15.08
C ASN A 130 11.40 14.59 14.76
N GLY B 1 3.92 -2.14 15.86
CA GLY B 1 2.75 -1.30 15.51
C GLY B 1 2.42 -1.18 14.03
N ALA B 2 1.33 -0.45 13.75
CA ALA B 2 0.98 -0.05 12.38
C ALA B 2 2.11 0.78 11.69
N MET B 3 2.71 1.74 12.43
CA MET B 3 3.84 2.54 11.90
C MET B 3 5.04 1.67 11.50
N ASP B 4 5.02 0.35 11.73
CA ASP B 4 6.15 -0.56 11.41
C ASP B 4 6.31 -0.71 9.91
N TYR B 5 5.22 -0.42 9.23
CA TYR B 5 5.23 -0.46 7.79
C TYR B 5 5.03 0.93 7.13
N SER B 6 6.10 1.47 6.57
CA SER B 6 6.03 2.74 5.82
C SER B 6 4.79 2.80 4.92
N LEU B 7 4.61 1.75 4.15
CA LEU B 7 3.38 1.53 3.43
C LEU B 7 2.02 1.68 4.20
N VAL B 8 1.97 1.23 5.45
CA VAL B 8 0.82 1.55 6.27
C VAL B 8 0.70 3.02 6.55
N LYS B 9 1.81 3.62 6.88
CA LYS B 9 1.90 5.07 7.17
C LYS B 9 1.35 5.87 5.95
N ALA B 10 1.70 5.38 4.78
CA ALA B 10 1.28 5.94 3.52
C ALA B 10 -0.23 5.84 3.34
N LEU B 11 -0.75 4.68 3.70
CA LEU B 11 -2.17 4.39 3.62
C LEU B 11 -3.00 5.28 4.54
N GLN B 12 -2.46 5.60 5.70
CA GLN B 12 -3.11 6.51 6.61
C GLN B 12 -3.14 7.92 6.05
N THR B 13 -2.01 8.39 5.56
CA THR B 13 -1.92 9.69 4.93
C THR B 13 -2.87 9.79 3.75
N ALA B 14 -3.06 8.67 3.03
CA ALA B 14 -3.98 8.63 1.91
C ALA B 14 -5.44 8.41 2.34
N GLN B 15 -5.71 8.42 3.65
CA GLN B 15 -7.03 8.14 4.21
C GLN B 15 -7.74 6.91 3.64
N GLN B 16 -7.02 5.81 3.49
CA GLN B 16 -7.63 4.57 3.02
C GLN B 16 -8.36 3.83 4.12
N ASN B 17 -9.22 2.92 3.68
CA ASN B 17 -9.90 2.01 4.56
C ASN B 17 -9.07 0.76 4.64
N PHE B 18 -8.57 0.46 5.82
CA PHE B 18 -7.80 -0.78 5.99
C PHE B 18 -7.74 -1.29 7.42
N VAL B 19 -7.38 -2.57 7.49
CA VAL B 19 -7.08 -3.26 8.75
C VAL B 19 -5.76 -4.09 8.65
N ILE B 20 -5.16 -4.33 9.82
CA ILE B 20 -4.01 -5.18 9.98
C ILE B 20 -4.44 -6.30 10.93
N SER B 21 -4.22 -7.54 10.56
CA SER B 21 -4.47 -8.68 11.46
C SER B 21 -3.18 -9.30 11.93
N ASP B 22 -3.26 -10.05 13.03
CA ASP B 22 -2.09 -10.67 13.71
C ASP B 22 -2.29 -12.17 13.72
N PRO B 23 -1.64 -12.89 12.76
CA PRO B 23 -1.80 -14.33 12.72
C PRO B 23 -1.12 -15.07 13.85
N SER B 24 -0.37 -14.41 14.72
CA SER B 24 0.24 -15.09 15.85
C SER B 24 -0.77 -15.19 17.01
N ILE B 25 -1.90 -14.48 16.90
CA ILE B 25 -3.06 -14.66 17.80
C ILE B 25 -4.05 -15.64 17.16
N PRO B 26 -4.60 -16.59 17.95
CA PRO B 26 -5.52 -17.57 17.35
C PRO B 26 -6.67 -16.92 16.56
N ASP B 27 -7.01 -17.48 15.41
CA ASP B 27 -8.03 -16.97 14.46
C ASP B 27 -7.71 -15.64 13.78
N ASN B 28 -6.47 -15.17 13.88
CA ASN B 28 -5.95 -14.05 13.03
C ASN B 28 -6.85 -12.76 13.15
N PRO B 29 -6.97 -12.20 14.37
CA PRO B 29 -7.88 -11.10 14.59
C PRO B 29 -7.30 -9.80 14.08
N ILE B 30 -8.18 -8.84 13.93
CA ILE B 30 -7.83 -7.50 13.64
C ILE B 30 -7.20 -6.89 14.87
N VAL B 31 -6.02 -6.33 14.69
CA VAL B 31 -5.35 -5.60 15.76
C VAL B 31 -5.19 -4.09 15.52
N TYR B 32 -5.53 -3.62 14.31
CA TYR B 32 -5.49 -2.23 13.94
C TYR B 32 -6.60 -2.04 12.88
N ALA B 33 -7.33 -0.94 12.99
CA ALA B 33 -8.33 -0.53 12.00
C ALA B 33 -8.24 0.97 11.76
N SER B 34 -8.22 1.38 10.49
CA SER B 34 -8.13 2.84 10.16
C SER B 34 -9.48 3.52 10.39
N GLN B 35 -9.43 4.83 10.53
CA GLN B 35 -10.65 5.64 10.68
C GLN B 35 -11.59 5.44 9.48
N GLY B 36 -11.05 5.34 8.28
CA GLY B 36 -11.90 5.13 7.12
C GLY B 36 -12.64 3.83 7.20
N PHE B 37 -11.98 2.76 7.65
CA PHE B 37 -12.65 1.48 7.88
C PHE B 37 -13.84 1.56 8.86
N LEU B 38 -13.62 2.26 9.97
CA LEU B 38 -14.65 2.42 10.97
C LEU B 38 -15.84 3.18 10.39
N THR B 39 -15.55 4.23 9.61
CA THR B 39 -16.59 5.05 8.99
C THR B 39 -17.36 4.24 7.93
N LEU B 40 -16.66 3.50 7.09
CA LEU B 40 -17.30 2.66 6.09
C LEU B 40 -18.25 1.60 6.68
N THR B 41 -17.80 0.92 7.72
CA THR B 41 -18.52 -0.20 8.32
C THR B 41 -19.48 0.21 9.44
N GLY B 42 -19.30 1.40 10.00
CA GLY B 42 -20.12 1.87 11.11
C GLY B 42 -19.80 1.35 12.50
N TYR B 43 -18.75 0.56 12.62
CA TYR B 43 -18.31 0.05 13.90
C TYR B 43 -17.39 1.01 14.62
N ALA B 44 -17.46 1.04 15.95
CA ALA B 44 -16.44 1.64 16.77
C ALA B 44 -15.17 0.74 16.85
N LEU B 45 -14.03 1.35 17.16
CA LEU B 45 -12.74 0.65 17.20
C LEU B 45 -12.85 -0.58 18.13
N SER B 46 -13.40 -0.38 19.31
CA SER B 46 -13.54 -1.48 20.25
C SER B 46 -14.41 -2.65 19.78
N GLU B 47 -15.23 -2.44 18.77
CA GLU B 47 -16.11 -3.47 18.24
C GLU B 47 -15.49 -4.30 17.16
N VAL B 48 -14.30 -3.90 16.69
CA VAL B 48 -13.59 -4.67 15.68
C VAL B 48 -12.27 -5.30 16.14
N LEU B 49 -11.59 -4.69 17.11
CA LEU B 49 -10.32 -5.23 17.54
C LEU B 49 -10.60 -6.55 18.20
N GLY B 50 -9.71 -7.50 18.04
CA GLY B 50 -9.94 -8.81 18.59
C GLY B 50 -10.84 -9.73 17.82
N ARG B 51 -11.31 -9.33 16.64
CA ARG B 51 -12.22 -10.20 15.86
C ARG B 51 -11.57 -10.53 14.55
N ASN B 52 -11.84 -11.70 14.00
CA ASN B 52 -11.52 -11.99 12.62
C ASN B 52 -12.45 -11.16 11.74
N CYS B 53 -11.95 -10.66 10.63
CA CYS B 53 -12.70 -9.71 9.83
C CYS B 53 -13.90 -10.35 9.08
N ARG B 54 -14.07 -11.67 9.17
CA ARG B 54 -15.26 -12.32 8.58
C ARG B 54 -16.63 -11.86 9.11
N PHE B 55 -16.67 -11.11 10.21
CA PHE B 55 -17.93 -10.61 10.75
C PHE B 55 -18.58 -9.63 9.74
N LEU B 56 -17.82 -9.13 8.78
CA LEU B 56 -18.39 -8.30 7.72
C LEU B 56 -19.21 -9.06 6.69
N GLN B 57 -19.20 -10.40 6.74
CA GLN B 57 -19.88 -11.26 5.75
C GLN B 57 -21.28 -11.55 6.22
N GLY B 58 -22.13 -12.06 5.35
CA GLY B 58 -23.47 -12.30 5.74
C GLY B 58 -24.12 -13.23 4.75
N PRO B 59 -25.41 -13.51 4.95
CA PRO B 59 -26.15 -14.49 4.15
C PRO B 59 -26.06 -14.38 2.62
N GLU B 60 -26.03 -13.15 2.11
CA GLU B 60 -25.91 -12.94 0.66
C GLU B 60 -24.49 -12.78 0.14
N THR B 61 -23.51 -12.63 1.03
CA THR B 61 -22.13 -12.81 0.65
C THR B 61 -21.95 -14.16 -0.06
N ASP B 62 -21.23 -14.14 -1.18
CA ASP B 62 -20.95 -15.37 -1.98
C ASP B 62 -19.91 -16.26 -1.30
N PRO B 63 -20.29 -17.47 -0.89
CA PRO B 63 -19.28 -18.29 -0.24
C PRO B 63 -18.05 -18.59 -1.13
N LYS B 64 -18.22 -18.65 -2.46
CA LYS B 64 -17.06 -18.83 -3.38
C LYS B 64 -16.05 -17.67 -3.31
N ALA B 65 -16.53 -16.44 -3.23
CA ALA B 65 -15.63 -15.29 -2.99
C ALA B 65 -14.83 -15.45 -1.70
N VAL B 66 -15.49 -15.93 -0.65
CA VAL B 66 -14.84 -16.16 0.64
C VAL B 66 -13.81 -17.28 0.54
N GLU B 67 -14.17 -18.35 -0.16
CA GLU B 67 -13.22 -19.46 -0.43
C GLU B 67 -11.92 -19.02 -1.13
N LYS B 68 -12.06 -18.13 -2.10
CA LYS B 68 -10.93 -17.49 -2.79
C LYS B 68 -9.98 -16.84 -1.78
N VAL B 69 -10.53 -16.04 -0.88
CA VAL B 69 -9.71 -15.39 0.14
C VAL B 69 -9.04 -16.43 1.04
N ARG B 70 -9.79 -17.45 1.45
CA ARG B 70 -9.23 -18.48 2.32
C ARG B 70 -8.10 -19.26 1.63
N LYS B 71 -8.31 -19.66 0.38
CA LYS B 71 -7.28 -20.37 -0.38
C LYS B 71 -6.06 -19.49 -0.59
N GLY B 72 -6.30 -18.24 -1.00
CA GLY B 72 -5.30 -17.19 -0.96
C GLY B 72 -4.40 -17.18 0.24
N LEU B 73 -4.97 -16.98 1.41
CA LEU B 73 -4.19 -16.89 2.65
C LEU B 73 -3.39 -18.18 2.94
N GLU B 74 -3.98 -19.34 2.66
CA GLU B 74 -3.32 -20.64 2.95
C GLU B 74 -2.21 -20.96 1.97
N ARG B 75 -2.42 -20.70 0.68
CA ARG B 75 -1.38 -20.86 -0.33
C ARG B 75 -0.40 -19.66 -0.35
N GLY B 76 -0.48 -18.77 0.65
CA GLY B 76 0.45 -17.64 0.79
C GLY B 76 0.41 -16.56 -0.28
N GLU B 77 -0.68 -16.44 -1.04
CA GLU B 77 -0.80 -15.50 -2.18
C GLU B 77 -1.57 -14.25 -1.78
N ASP B 78 -1.08 -13.11 -2.22
CA ASP B 78 -1.88 -11.90 -2.33
C ASP B 78 -3.16 -12.16 -3.13
N THR B 79 -4.24 -11.57 -2.65
CA THR B 79 -5.57 -11.83 -3.17
C THR B 79 -6.35 -10.53 -3.39
N THR B 80 -7.07 -10.49 -4.51
CA THR B 80 -8.05 -9.41 -4.75
C THR B 80 -9.38 -10.05 -5.08
N VAL B 81 -10.40 -9.71 -4.30
CA VAL B 81 -11.78 -10.14 -4.56
C VAL B 81 -12.75 -8.97 -4.45
N VAL B 82 -13.90 -9.16 -5.08
CA VAL B 82 -15.06 -8.30 -4.86
C VAL B 82 -16.16 -9.10 -4.20
N LEU B 83 -16.61 -8.65 -3.04
CA LEU B 83 -17.65 -9.40 -2.33
C LEU B 83 -18.56 -8.49 -1.54
N LEU B 84 -19.74 -9.04 -1.27
CA LEU B 84 -20.76 -8.31 -0.54
C LEU B 84 -20.44 -8.35 0.96
N ASN B 85 -20.38 -7.20 1.60
CA ASN B 85 -20.22 -7.11 3.05
C ASN B 85 -21.36 -6.27 3.71
N TYR B 86 -21.42 -6.32 5.04
CA TYR B 86 -22.51 -5.77 5.81
C TYR B 86 -21.93 -4.82 6.83
N ARG B 87 -22.56 -3.66 6.97
CA ARG B 87 -22.19 -2.72 8.02
C ARG B 87 -22.83 -3.11 9.35
N LYS B 88 -22.51 -2.36 10.41
CA LYS B 88 -23.06 -2.58 11.69
C LYS B 88 -24.59 -2.60 11.72
N ASP B 89 -25.21 -1.70 10.96
CA ASP B 89 -26.64 -1.62 10.91
C ASP B 89 -27.29 -2.63 9.93
N GLY B 90 -26.49 -3.46 9.27
CA GLY B 90 -27.02 -4.48 8.41
C GLY B 90 -27.15 -4.06 6.96
N SER B 91 -26.89 -2.78 6.63
CA SER B 91 -26.86 -2.36 5.21
C SER B 91 -25.68 -3.02 4.47
N THR B 92 -25.84 -3.27 3.18
CA THR B 92 -24.81 -3.95 2.38
C THR B 92 -23.99 -2.96 1.54
N PHE B 93 -22.78 -3.37 1.19
CA PHE B 93 -22.00 -2.65 0.18
C PHE B 93 -21.11 -3.66 -0.52
N TRP B 94 -20.75 -3.40 -1.79
CA TRP B 94 -19.73 -4.21 -2.46
C TRP B 94 -18.32 -3.71 -2.04
N ASN B 95 -17.48 -4.67 -1.64
CA ASN B 95 -16.16 -4.42 -1.10
C ASN B 95 -15.14 -5.03 -2.06
N GLN B 96 -14.35 -4.18 -2.72
CA GLN B 96 -13.20 -4.65 -3.50
C GLN B 96 -12.07 -4.72 -2.47
N LEU B 97 -11.73 -5.96 -2.10
CA LEU B 97 -10.82 -6.25 -0.99
C LEU B 97 -9.45 -6.72 -1.50
N PHE B 98 -8.39 -6.08 -1.00
CA PHE B 98 -7.03 -6.41 -1.36
C PHE B 98 -6.30 -6.90 -0.13
N ILE B 99 -5.78 -8.13 -0.15
CA ILE B 99 -5.15 -8.67 1.03
C ILE B 99 -3.69 -9.06 0.71
N ALA B 100 -2.79 -8.67 1.61
CA ALA B 100 -1.37 -8.91 1.49
C ALA B 100 -0.74 -9.37 2.80
N ALA B 101 0.20 -10.30 2.66
CA ALA B 101 1.03 -10.75 3.78
C ALA B 101 2.15 -9.74 4.01
N LEU B 102 2.30 -9.24 5.22
CA LEU B 102 3.43 -8.44 5.60
C LEU B 102 4.50 -9.38 6.18
N ARG B 103 5.71 -9.33 5.63
CA ARG B 103 6.75 -10.35 5.92
C ARG B 103 7.97 -9.84 6.63
N ASP B 104 8.67 -10.84 7.17
CA ASP B 104 9.91 -10.74 7.91
C ASP B 104 11.05 -10.63 6.93
N GLY B 105 12.19 -10.12 7.43
CA GLY B 105 13.49 -10.28 6.76
C GLY B 105 13.68 -11.70 6.25
N GLU B 106 13.14 -12.66 6.98
CA GLU B 106 13.26 -14.07 6.65
C GLU B 106 12.09 -14.66 5.87
N GLY B 107 11.16 -13.82 5.43
CA GLY B 107 9.96 -14.30 4.75
C GLY B 107 8.80 -14.78 5.63
N ASN B 108 8.96 -14.76 6.96
CA ASN B 108 7.82 -15.07 7.87
C ASN B 108 6.71 -14.01 7.78
N VAL B 109 5.44 -14.46 7.73
CA VAL B 109 4.30 -13.57 7.76
C VAL B 109 4.13 -13.10 9.18
N VAL B 110 4.25 -11.81 9.40
CA VAL B 110 4.12 -11.25 10.73
C VAL B 110 2.75 -10.56 10.93
N ASN B 111 2.07 -10.17 9.84
CA ASN B 111 0.79 -9.49 9.87
C ASN B 111 0.19 -9.67 8.50
N TYR B 112 -1.12 -9.54 8.37
CA TYR B 112 -1.80 -9.36 7.08
C TYR B 112 -2.38 -7.96 7.04
N LEU B 113 -2.35 -7.39 5.83
CA LEU B 113 -2.95 -6.11 5.54
C LEU B 113 -4.15 -6.34 4.64
N GLY B 114 -5.27 -5.73 5.03
CA GLY B 114 -6.46 -5.70 4.21
C GLY B 114 -6.90 -4.25 3.91
N VAL B 115 -7.06 -3.98 2.63
CA VAL B 115 -7.56 -2.69 2.17
C VAL B 115 -8.91 -2.88 1.49
N GLN B 116 -9.88 -2.11 1.96
CA GLN B 116 -11.25 -2.11 1.39
C GLN B 116 -11.58 -0.86 0.58
N CYS B 117 -12.07 -1.11 -0.63
CA CYS B 117 -12.60 -0.07 -1.49
CA CYS B 117 -12.60 -0.08 -1.50
C CYS B 117 -14.08 -0.35 -1.74
N LYS B 118 -14.93 0.58 -1.38
CA LYS B 118 -16.35 0.47 -1.70
C LYS B 118 -16.53 0.70 -3.20
N VAL B 119 -17.26 -0.18 -3.87
CA VAL B 119 -17.53 -0.06 -5.31
C VAL B 119 -19.02 -0.22 -5.60
N SER B 120 -19.45 0.26 -6.77
CA SER B 120 -20.84 0.26 -7.17
C SER B 120 -21.23 -1.15 -7.53
N GLU B 121 -22.53 -1.41 -7.53
CA GLU B 121 -23.02 -2.70 -8.01
C GLU B 121 -22.64 -2.96 -9.49
N ASP B 122 -22.67 -1.91 -10.31
CA ASP B 122 -22.27 -2.01 -11.71
C ASP B 122 -20.79 -2.39 -11.86
N TYR B 123 -19.93 -1.80 -11.06
CA TYR B 123 -18.52 -2.19 -11.09
C TYR B 123 -18.31 -3.64 -10.65
N ALA B 124 -18.97 -4.02 -9.55
CA ALA B 124 -18.86 -5.38 -9.01
C ALA B 124 -19.30 -6.40 -10.06
N LYS B 125 -20.42 -6.09 -10.71
CA LYS B 125 -20.99 -6.95 -11.75
C LYS B 125 -19.98 -7.19 -12.87
N ALA B 126 -19.40 -6.10 -13.34
CA ALA B 126 -18.42 -6.13 -14.44
C ALA B 126 -17.12 -6.84 -14.02
N PHE B 127 -16.58 -6.45 -12.88
CA PHE B 127 -15.41 -7.14 -12.30
C PHE B 127 -15.61 -8.65 -12.20
N LEU B 128 -16.78 -9.09 -11.73
CA LEU B 128 -17.02 -10.53 -11.52
C LEU B 128 -17.25 -11.27 -12.83
N LYS B 129 -18.06 -10.69 -13.71
CA LYS B 129 -18.21 -11.20 -15.08
C LYS B 129 -16.82 -11.46 -15.68
N ASN B 130 -15.96 -10.46 -15.55
CA ASN B 130 -14.65 -10.40 -16.19
C ASN B 130 -13.54 -11.13 -15.41
N GLU B 131 -13.78 -12.39 -14.99
CA GLU B 131 -12.71 -13.26 -14.48
C GLU B 131 -12.50 -14.55 -15.28
N GLU B 132 -13.36 -14.82 -16.26
CA GLU B 132 -13.40 -16.11 -16.95
C GLU B 132 -12.51 -16.09 -18.19
#